data_1Y17
#
_entry.id   1Y17
#
_cell.length_a   34.944
_cell.length_b   53.894
_cell.length_c   68.087
_cell.angle_alpha   90.00
_cell.angle_beta   98.39
_cell.angle_gamma   90.00
#
_symmetry.space_group_name_H-M   'P 1 21 1'
#
loop_
_entity.id
_entity.type
_entity.pdbx_description
1 polymer 'anticoagulant protein A'
2 polymer 'anticoagulant protein-B'
3 non-polymer 'CALCIUM ION'
4 water water
#
loop_
_entity_poly.entity_id
_entity_poly.type
_entity_poly.pdbx_seq_one_letter_code
_entity_poly.pdbx_strand_id
1 'polypeptide(L)'
;DCSSSWSSYEGHCYKAFKQSKTWADAESFCTKQVNGGHLVSIESSGEADFVAHLIAQKIKSAKIHVWIGLRAQNKEKQCS
IEWSDGSSISYENWIEEESKKCLGVHKATGFRKWENFYCEQRDPFVCEA
;
A
2 'polypeptide(L)'
;DCPSDWSSYEGHCYKPFNEPKNWADAENFCTQQHTGSHLVSFQSTEEADFVVKLAFQTFDYGIFWMGLSKIWNQCNWQWS
NAAMLKYTDWAEESYCVYFKSTNNKWRSITCRMIANFVCEFQA
;
B
#
loop_
_chem_comp.id
_chem_comp.type
_chem_comp.name
_chem_comp.formula
CA non-polymer 'CALCIUM ION' 'Ca 2'
#
# COMPACT_ATOMS: atom_id res chain seq x y z
N ASP A 1 13.67 -11.49 -32.85
CA ASP A 1 12.66 -10.92 -33.78
C ASP A 1 11.32 -10.76 -33.08
N CYS A 2 10.66 -9.64 -33.36
CA CYS A 2 9.37 -9.37 -32.73
C CYS A 2 8.30 -9.06 -33.76
N SER A 3 7.05 -9.28 -33.38
CA SER A 3 5.92 -9.01 -34.25
C SER A 3 5.93 -7.54 -34.62
N SER A 4 5.27 -7.23 -35.73
CA SER A 4 5.17 -5.86 -36.18
C SER A 4 4.53 -5.04 -35.06
N SER A 5 5.15 -3.91 -34.76
CA SER A 5 4.72 -2.96 -33.74
C SER A 5 5.20 -3.27 -32.32
N TRP A 6 5.95 -4.37 -32.17
CA TRP A 6 6.52 -4.73 -30.88
C TRP A 6 8.00 -4.34 -30.89
N SER A 7 8.55 -3.90 -29.76
CA SER A 7 9.96 -3.51 -29.69
C SER A 7 10.77 -4.56 -28.95
N SER A 8 12.04 -4.70 -29.32
CA SER A 8 12.88 -5.69 -28.68
C SER A 8 14.00 -5.15 -27.83
N TYR A 9 14.36 -5.91 -26.80
CA TYR A 9 15.43 -5.56 -25.89
C TYR A 9 15.91 -6.82 -25.17
N GLU A 10 17.19 -7.13 -25.32
CA GLU A 10 17.81 -8.30 -24.70
C GLU A 10 17.02 -9.60 -24.89
N GLY A 11 16.63 -9.87 -26.14
CA GLY A 11 15.90 -11.10 -26.43
C GLY A 11 14.43 -11.13 -26.08
N HIS A 12 13.86 -9.99 -25.73
CA HIS A 12 12.45 -9.93 -25.39
C HIS A 12 11.72 -8.93 -26.25
N CYS A 13 10.41 -9.08 -26.33
CA CYS A 13 9.60 -8.17 -27.13
C CYS A 13 8.64 -7.45 -26.19
N TYR A 14 8.59 -6.13 -26.31
CA TYR A 14 7.72 -5.34 -25.45
C TYR A 14 6.70 -4.55 -26.25
N LYS A 15 5.61 -4.17 -25.59
CA LYS A 15 4.55 -3.42 -26.26
C LYS A 15 3.62 -2.68 -25.28
N ALA A 16 3.54 -1.37 -25.45
CA ALA A 16 2.69 -0.54 -24.61
C ALA A 16 1.30 -0.39 -25.24
N PHE A 17 0.26 -0.48 -24.42
CA PHE A 17 -1.12 -0.32 -24.90
C PHE A 17 -1.78 0.84 -24.15
N LYS A 18 -2.49 1.70 -24.87
CA LYS A 18 -3.16 2.85 -24.26
C LYS A 18 -4.49 2.48 -23.64
N GLN A 19 -5.10 1.41 -24.14
CA GLN A 19 -6.39 0.96 -23.63
C GLN A 19 -6.28 0.65 -22.13
N SER A 20 -7.23 1.16 -21.35
CA SER A 20 -7.23 0.96 -19.91
C SER A 20 -7.93 -0.32 -19.47
N LYS A 21 -7.29 -1.05 -18.57
CA LYS A 21 -7.83 -2.30 -18.05
C LYS A 21 -7.37 -2.52 -16.62
N THR A 22 -8.06 -3.39 -15.91
CA THR A 22 -7.67 -3.72 -14.55
C THR A 22 -6.39 -4.54 -14.67
N TRP A 23 -5.67 -4.68 -13.57
CA TRP A 23 -4.42 -5.43 -13.59
C TRP A 23 -4.63 -6.83 -14.15
N ALA A 24 -5.59 -7.56 -13.58
CA ALA A 24 -5.87 -8.94 -14.01
C ALA A 24 -6.26 -9.03 -15.49
N ASP A 25 -7.03 -8.05 -15.97
CA ASP A 25 -7.46 -8.06 -17.36
C ASP A 25 -6.27 -7.77 -18.31
N ALA A 26 -5.35 -6.92 -17.86
CA ALA A 26 -4.19 -6.58 -18.69
C ALA A 26 -3.32 -7.84 -18.83
N GLU A 27 -3.11 -8.52 -17.70
CA GLU A 27 -2.34 -9.74 -17.67
C GLU A 27 -2.97 -10.75 -18.61
N SER A 28 -4.27 -10.91 -18.48
CA SER A 28 -5.02 -11.84 -19.31
C SER A 28 -4.95 -11.41 -20.78
N PHE A 29 -5.06 -10.12 -21.03
CA PHE A 29 -4.99 -9.58 -22.38
C PHE A 29 -3.62 -9.85 -23.00
N CYS A 30 -2.57 -9.64 -22.21
CA CYS A 30 -1.21 -9.86 -22.65
C CYS A 30 -0.95 -11.33 -23.02
N THR A 31 -1.58 -12.26 -22.31
CA THR A 31 -1.37 -13.68 -22.62
C THR A 31 -1.94 -14.02 -23.99
N LYS A 32 -2.93 -13.27 -24.42
CA LYS A 32 -3.57 -13.54 -25.71
C LYS A 32 -2.96 -12.81 -26.90
N GLN A 33 -2.09 -11.84 -26.66
CA GLN A 33 -1.48 -11.10 -27.78
C GLN A 33 -0.33 -11.85 -28.44
N VAL A 34 0.40 -12.60 -27.62
CA VAL A 34 1.55 -13.37 -28.10
C VAL A 34 1.78 -14.52 -27.13
N ASN A 35 2.23 -15.66 -27.65
CA ASN A 35 2.47 -16.80 -26.78
C ASN A 35 3.57 -16.46 -25.78
N GLY A 36 3.30 -16.69 -24.50
CA GLY A 36 4.27 -16.39 -23.47
C GLY A 36 4.19 -14.96 -22.96
N GLY A 37 3.20 -14.23 -23.44
CA GLY A 37 3.03 -12.84 -23.01
C GLY A 37 2.53 -12.69 -21.59
N HIS A 38 3.00 -11.64 -20.94
CA HIS A 38 2.62 -11.32 -19.57
C HIS A 38 2.82 -9.82 -19.43
N LEU A 39 2.43 -9.28 -18.29
CA LEU A 39 2.66 -7.87 -18.02
C LEU A 39 4.18 -7.82 -17.84
N VAL A 40 4.80 -6.74 -18.30
CA VAL A 40 6.24 -6.60 -18.23
C VAL A 40 6.81 -6.87 -16.83
N SER A 41 8.00 -7.44 -16.80
CA SER A 41 8.70 -7.69 -15.54
C SER A 41 10.01 -6.94 -15.67
N ILE A 42 10.40 -6.23 -14.61
CA ILE A 42 11.63 -5.44 -14.64
C ILE A 42 12.71 -6.10 -13.79
N GLU A 43 13.70 -6.69 -14.45
CA GLU A 43 14.76 -7.39 -13.75
C GLU A 43 16.14 -6.75 -13.73
N SER A 44 16.21 -5.45 -14.00
CA SER A 44 17.50 -4.75 -13.98
C SER A 44 17.34 -3.28 -14.32
N SER A 45 18.40 -2.51 -14.08
CA SER A 45 18.41 -1.09 -14.37
C SER A 45 18.19 -0.89 -15.87
N GLY A 46 19.02 -1.57 -16.65
CA GLY A 46 18.95 -1.47 -18.10
C GLY A 46 17.54 -1.66 -18.60
N GLU A 47 16.89 -2.71 -18.13
CA GLU A 47 15.52 -2.97 -18.57
C GLU A 47 14.59 -1.86 -18.10
N ALA A 48 14.86 -1.33 -16.90
CA ALA A 48 14.04 -0.26 -16.36
C ALA A 48 14.11 0.97 -17.26
N ASP A 49 15.30 1.25 -17.80
CA ASP A 49 15.45 2.41 -18.68
C ASP A 49 14.66 2.18 -19.94
N PHE A 50 14.92 1.06 -20.59
CA PHE A 50 14.25 0.71 -21.83
C PHE A 50 12.74 0.81 -21.69
N VAL A 51 12.19 0.16 -20.67
CA VAL A 51 10.75 0.19 -20.46
C VAL A 51 10.23 1.59 -20.17
N ALA A 52 10.96 2.35 -19.36
CA ALA A 52 10.53 3.71 -19.03
C ALA A 52 10.44 4.56 -20.30
N HIS A 53 11.43 4.44 -21.17
CA HIS A 53 11.45 5.18 -22.42
C HIS A 53 10.35 4.71 -23.36
N LEU A 54 10.15 3.40 -23.36
CA LEU A 54 9.14 2.77 -24.21
C LEU A 54 7.77 3.34 -23.88
N ILE A 55 7.49 3.40 -22.58
CA ILE A 55 6.22 3.89 -22.10
C ILE A 55 6.05 5.37 -22.45
N ALA A 56 7.07 6.15 -22.11
CA ALA A 56 7.07 7.59 -22.34
C ALA A 56 6.73 7.96 -23.79
N GLN A 57 6.91 7.02 -24.71
CA GLN A 57 6.61 7.26 -26.12
C GLN A 57 5.12 7.31 -26.43
N LYS A 58 4.33 6.48 -25.75
CA LYS A 58 2.89 6.43 -25.98
C LYS A 58 2.05 7.08 -24.91
N ILE A 59 2.46 6.95 -23.65
CA ILE A 59 1.70 7.53 -22.55
C ILE A 59 2.23 8.89 -22.21
N LYS A 60 1.36 9.89 -22.27
CA LYS A 60 1.77 11.26 -22.00
C LYS A 60 1.02 11.85 -20.80
N SER A 61 0.05 11.13 -20.28
CA SER A 61 -0.74 11.63 -19.16
C SER A 61 -0.24 11.27 -17.76
N ALA A 62 -0.70 12.04 -16.78
CA ALA A 62 -0.33 11.81 -15.39
C ALA A 62 -1.61 11.49 -14.63
N LYS A 63 -2.72 11.47 -15.36
CA LYS A 63 -4.01 11.17 -14.77
C LYS A 63 -4.08 9.68 -14.42
N ILE A 64 -3.20 8.89 -15.02
CA ILE A 64 -3.18 7.46 -14.76
C ILE A 64 -1.76 6.96 -14.62
N HIS A 65 -1.63 5.69 -14.26
CA HIS A 65 -0.32 5.06 -14.14
C HIS A 65 -0.27 3.92 -15.14
N VAL A 66 0.85 3.20 -15.18
CA VAL A 66 1.03 2.10 -16.11
C VAL A 66 1.30 0.82 -15.31
N TRP A 67 0.49 -0.21 -15.55
CA TRP A 67 0.65 -1.48 -14.85
C TRP A 67 1.94 -2.22 -15.20
N ILE A 68 2.52 -2.90 -14.23
CA ILE A 68 3.70 -3.73 -14.44
C ILE A 68 3.36 -5.07 -13.79
N GLY A 69 4.03 -6.13 -14.24
CA GLY A 69 3.75 -7.47 -13.75
C GLY A 69 3.99 -7.93 -12.33
N LEU A 70 4.25 -7.03 -11.38
CA LEU A 70 4.48 -7.47 -10.01
C LEU A 70 3.20 -7.31 -9.19
N ARG A 71 2.89 -8.31 -8.37
CA ARG A 71 1.66 -8.29 -7.57
C ARG A 71 1.75 -9.22 -6.35
N ALA A 72 1.04 -8.88 -5.28
CA ALA A 72 1.04 -9.69 -4.06
C ALA A 72 0.05 -10.83 -4.21
N GLN A 73 0.55 -12.06 -4.11
CA GLN A 73 -0.29 -13.24 -4.26
C GLN A 73 -1.40 -13.37 -3.23
N ASN A 74 -1.06 -13.18 -1.96
CA ASN A 74 -2.01 -13.28 -0.86
C ASN A 74 -3.38 -12.66 -1.16
N LYS A 75 -4.42 -13.29 -0.63
CA LYS A 75 -5.78 -12.82 -0.84
C LYS A 75 -6.22 -11.90 0.30
N GLU A 76 -5.49 -11.93 1.40
CA GLU A 76 -5.82 -11.11 2.56
C GLU A 76 -5.55 -9.64 2.26
N LYS A 77 -6.07 -8.78 3.13
CA LYS A 77 -5.91 -7.34 2.99
C LYS A 77 -4.52 -6.85 3.39
N GLN A 78 -3.87 -7.58 4.30
CA GLN A 78 -2.51 -7.26 4.73
C GLN A 78 -1.79 -8.56 5.05
N CYS A 79 -0.47 -8.54 5.04
CA CYS A 79 0.29 -9.76 5.31
C CYS A 79 1.02 -9.85 6.64
N SER A 80 1.05 -8.75 7.41
CA SER A 80 1.70 -8.81 8.72
C SER A 80 0.94 -9.87 9.54
N ILE A 81 1.14 -9.89 10.85
CA ILE A 81 0.45 -10.90 11.65
C ILE A 81 -0.26 -10.34 12.85
N GLU A 82 0.20 -9.19 13.34
CA GLU A 82 -0.40 -8.64 14.54
C GLU A 82 -0.26 -7.13 14.67
N TRP A 83 -0.97 -6.59 15.64
CA TRP A 83 -0.93 -5.18 15.96
C TRP A 83 0.33 -4.98 16.77
N SER A 84 0.71 -3.72 16.99
CA SER A 84 1.91 -3.44 17.76
C SER A 84 1.73 -3.87 19.22
N ASP A 85 0.49 -4.04 19.66
CA ASP A 85 0.27 -4.47 21.03
C ASP A 85 0.33 -5.98 21.17
N GLY A 86 0.65 -6.66 20.08
CA GLY A 86 0.76 -8.11 20.13
C GLY A 86 -0.46 -8.94 19.84
N SER A 87 -1.64 -8.34 19.90
CA SER A 87 -2.88 -9.08 19.63
C SER A 87 -2.99 -9.38 18.15
N SER A 88 -3.78 -10.41 17.81
CA SER A 88 -3.99 -10.80 16.42
C SER A 88 -5.07 -9.99 15.73
N ILE A 89 -5.07 -10.00 14.40
CA ILE A 89 -6.06 -9.28 13.64
C ILE A 89 -7.31 -10.15 13.56
N SER A 90 -8.41 -9.66 14.09
CA SER A 90 -9.65 -10.42 14.06
C SER A 90 -10.84 -9.54 13.72
N TYR A 91 -10.57 -8.45 13.01
CA TYR A 91 -11.61 -7.52 12.61
C TYR A 91 -11.01 -6.45 11.72
N GLU A 92 -11.50 -6.36 10.48
CA GLU A 92 -11.00 -5.36 9.54
C GLU A 92 -12.09 -4.43 9.08
N ASN A 93 -11.70 -3.23 8.66
CA ASN A 93 -12.64 -2.26 8.17
C ASN A 93 -11.97 -1.47 7.06
N TRP A 94 -11.44 -2.21 6.10
CA TRP A 94 -10.74 -1.65 4.96
C TRP A 94 -11.66 -1.03 3.91
N ILE A 95 -11.14 -0.03 3.23
CA ILE A 95 -11.85 0.61 2.14
C ILE A 95 -11.25 -0.09 0.91
N GLU A 96 -12.00 -0.97 0.27
CA GLU A 96 -11.51 -1.71 -0.89
C GLU A 96 -10.37 -1.05 -1.67
N GLU A 97 -10.59 0.15 -2.17
CA GLU A 97 -9.60 0.88 -2.95
C GLU A 97 -8.33 1.20 -2.17
N GLU A 98 -8.36 0.92 -0.87
CA GLU A 98 -7.24 1.21 0.01
C GLU A 98 -6.18 0.12 0.10
N SER A 99 -6.51 -1.07 -0.39
CA SER A 99 -5.56 -2.17 -0.38
C SER A 99 -4.87 -2.14 -1.75
N LYS A 100 -3.62 -1.70 -1.78
CA LYS A 100 -2.86 -1.58 -3.02
C LYS A 100 -1.83 -2.68 -3.21
N LYS A 101 -2.26 -3.81 -3.78
CA LYS A 101 -1.39 -4.95 -3.97
C LYS A 101 -0.81 -5.15 -5.37
N CYS A 102 -1.07 -4.19 -6.26
CA CYS A 102 -0.53 -4.25 -7.61
C CYS A 102 0.39 -3.05 -7.82
N LEU A 103 1.45 -3.23 -8.60
CA LEU A 103 2.38 -2.15 -8.82
C LEU A 103 2.30 -1.52 -10.21
N GLY A 104 2.67 -0.23 -10.27
CA GLY A 104 2.66 0.50 -11.51
C GLY A 104 3.68 1.61 -11.45
N VAL A 105 3.98 2.21 -12.60
CA VAL A 105 4.93 3.31 -12.65
C VAL A 105 4.21 4.54 -13.15
N HIS A 106 4.59 5.70 -12.63
CA HIS A 106 3.95 6.96 -13.00
C HIS A 106 4.89 7.93 -13.72
N LYS A 107 4.31 8.80 -14.53
CA LYS A 107 5.05 9.80 -15.28
C LYS A 107 5.94 10.70 -14.40
N ALA A 108 5.48 11.01 -13.20
CA ALA A 108 6.22 11.87 -12.28
C ALA A 108 7.61 11.35 -11.91
N THR A 109 7.81 10.04 -12.00
CA THR A 109 9.12 9.49 -11.67
C THR A 109 9.77 9.05 -12.96
N GLY A 110 9.19 9.49 -14.08
CA GLY A 110 9.72 9.12 -15.37
C GLY A 110 9.35 7.67 -15.70
N PHE A 111 8.34 7.15 -15.01
CA PHE A 111 7.89 5.77 -15.20
C PHE A 111 8.93 4.78 -14.72
N ARG A 112 9.53 5.06 -13.56
CA ARG A 112 10.56 4.17 -13.02
C ARG A 112 10.22 3.59 -11.64
N LYS A 113 9.95 4.46 -10.69
CA LYS A 113 9.65 4.01 -9.33
C LYS A 113 8.40 3.17 -9.26
N TRP A 114 8.47 2.08 -8.51
CA TRP A 114 7.34 1.19 -8.35
C TRP A 114 6.41 1.70 -7.25
N GLU A 115 5.20 2.07 -7.63
CA GLU A 115 4.22 2.57 -6.68
C GLU A 115 3.11 1.55 -6.51
N ASN A 116 2.54 1.49 -5.31
CA ASN A 116 1.47 0.54 -5.00
C ASN A 116 0.12 1.13 -5.43
N PHE A 117 -0.71 0.31 -6.06
CA PHE A 117 -2.03 0.74 -6.54
C PHE A 117 -3.07 -0.34 -6.33
N TYR A 118 -4.33 0.11 -6.20
CA TYR A 118 -5.46 -0.78 -6.03
C TYR A 118 -5.60 -1.53 -7.35
N CYS A 119 -5.47 -2.86 -7.28
CA CYS A 119 -5.52 -3.72 -8.46
C CYS A 119 -6.71 -3.58 -9.40
N GLU A 120 -7.85 -3.08 -8.90
CA GLU A 120 -9.02 -2.97 -9.76
C GLU A 120 -9.15 -1.69 -10.57
N GLN A 121 -8.15 -0.83 -10.50
CA GLN A 121 -8.17 0.41 -11.26
C GLN A 121 -7.93 0.07 -12.72
N ARG A 122 -8.53 0.85 -13.62
CA ARG A 122 -8.34 0.67 -15.06
C ARG A 122 -7.18 1.57 -15.47
N ASP A 123 -6.14 0.99 -16.04
CA ASP A 123 -5.00 1.79 -16.46
C ASP A 123 -4.28 1.14 -17.62
N PRO A 124 -3.46 1.91 -18.35
CA PRO A 124 -2.69 1.40 -19.49
C PRO A 124 -1.69 0.39 -18.93
N PHE A 125 -1.00 -0.32 -19.81
CA PHE A 125 -0.07 -1.34 -19.38
C PHE A 125 0.94 -1.68 -20.45
N VAL A 126 1.83 -2.62 -20.14
CA VAL A 126 2.86 -3.08 -21.07
C VAL A 126 2.98 -4.60 -21.05
N CYS A 127 2.98 -5.22 -22.22
CA CYS A 127 3.11 -6.67 -22.31
C CYS A 127 4.55 -7.02 -22.69
N GLU A 128 5.02 -8.16 -22.17
CA GLU A 128 6.38 -8.63 -22.47
C GLU A 128 6.28 -10.10 -22.87
N ALA A 129 7.05 -10.50 -23.87
CA ALA A 129 7.05 -11.88 -24.30
C ALA A 129 8.48 -12.33 -24.58
N ASP B 1 -11.41 3.20 34.38
CA ASP B 1 -10.50 3.67 35.43
C ASP B 1 -9.15 3.98 34.79
N CYS B 2 -8.98 5.22 34.39
CA CYS B 2 -7.76 5.65 33.72
C CYS B 2 -7.21 6.94 34.30
N PRO B 3 -5.97 7.29 33.93
CA PRO B 3 -5.39 8.52 34.44
C PRO B 3 -6.26 9.66 33.90
N SER B 4 -6.36 10.75 34.66
CA SER B 4 -7.20 11.89 34.27
C SER B 4 -7.05 12.37 32.81
N ASP B 5 -5.83 12.30 32.26
CA ASP B 5 -5.60 12.75 30.89
C ASP B 5 -5.91 11.71 29.83
N TRP B 6 -6.51 10.61 30.23
CA TRP B 6 -6.86 9.54 29.29
C TRP B 6 -8.37 9.28 29.31
N SER B 7 -8.88 8.62 28.28
CA SER B 7 -10.30 8.33 28.21
C SER B 7 -10.53 6.84 28.19
N SER B 8 -11.52 6.40 28.95
CA SER B 8 -11.83 4.98 29.07
C SER B 8 -12.95 4.45 28.20
N TYR B 9 -12.86 3.17 27.90
CA TYR B 9 -13.84 2.48 27.10
C TYR B 9 -13.57 0.99 27.21
N GLU B 10 -14.55 0.24 27.71
CA GLU B 10 -14.43 -1.21 27.86
C GLU B 10 -13.09 -1.68 28.46
N GLY B 11 -12.80 -1.23 29.67
CA GLY B 11 -11.58 -1.65 30.33
C GLY B 11 -10.28 -1.18 29.71
N HIS B 12 -10.35 -0.26 28.75
CA HIS B 12 -9.15 0.25 28.12
C HIS B 12 -9.01 1.75 28.29
N CYS B 13 -7.79 2.25 28.09
CA CYS B 13 -7.52 3.68 28.22
C CYS B 13 -6.92 4.21 26.93
N TYR B 14 -7.51 5.29 26.42
CA TYR B 14 -7.05 5.87 25.17
C TYR B 14 -6.70 7.36 25.30
N LYS B 15 -5.70 7.79 24.55
CA LYS B 15 -5.29 9.17 24.57
C LYS B 15 -4.73 9.60 23.21
N PRO B 16 -5.26 10.70 22.66
CA PRO B 16 -4.80 11.20 21.37
C PRO B 16 -3.72 12.24 21.59
N PHE B 17 -2.75 12.28 20.68
CA PHE B 17 -1.67 13.25 20.75
C PHE B 17 -1.60 13.92 19.39
N ASN B 18 -1.29 15.22 19.35
CA ASN B 18 -1.19 15.87 18.06
C ASN B 18 0.24 16.24 17.71
N GLU B 19 1.20 15.61 18.38
CA GLU B 19 2.60 15.85 18.07
C GLU B 19 2.89 15.02 16.82
N PRO B 20 3.09 15.68 15.68
CA PRO B 20 3.36 15.01 14.40
C PRO B 20 4.60 14.09 14.40
N LYS B 21 4.34 12.79 14.34
CA LYS B 21 5.42 11.79 14.32
C LYS B 21 5.13 10.70 13.30
N ASN B 22 6.18 10.06 12.78
CA ASN B 22 5.97 8.99 11.82
C ASN B 22 5.58 7.77 12.63
N TRP B 23 5.14 6.70 11.97
CA TRP B 23 4.69 5.51 12.67
C TRP B 23 5.63 4.96 13.72
N ALA B 24 6.87 4.67 13.35
CA ALA B 24 7.83 4.11 14.31
C ALA B 24 7.99 4.97 15.56
N ASP B 25 8.20 6.27 15.37
CA ASP B 25 8.37 7.16 16.50
C ASP B 25 7.10 7.25 17.31
N ALA B 26 5.95 7.17 16.62
CA ALA B 26 4.66 7.24 17.31
C ALA B 26 4.53 6.06 18.28
N GLU B 27 4.67 4.85 17.75
CA GLU B 27 4.59 3.66 18.59
C GLU B 27 5.54 3.79 19.78
N ASN B 28 6.83 3.91 19.51
CA ASN B 28 7.79 4.03 20.60
C ASN B 28 7.35 5.07 21.62
N PHE B 29 6.85 6.20 21.14
CA PHE B 29 6.40 7.25 22.03
C PHE B 29 5.30 6.75 22.97
N CYS B 30 4.34 6.01 22.41
CA CYS B 30 3.23 5.50 23.18
C CYS B 30 3.66 4.55 24.31
N THR B 31 4.75 3.82 24.10
CA THR B 31 5.20 2.88 25.10
C THR B 31 5.74 3.53 26.37
N GLN B 32 6.27 4.74 26.26
CA GLN B 32 6.80 5.43 27.43
C GLN B 32 5.80 6.35 28.09
N GLN B 33 4.56 6.33 27.62
CA GLN B 33 3.52 7.18 28.20
C GLN B 33 2.86 6.46 29.35
N HIS B 34 2.97 5.14 29.35
CA HIS B 34 2.38 4.31 30.39
C HIS B 34 2.84 2.88 30.14
N THR B 35 2.69 2.03 31.15
CA THR B 35 3.09 0.64 31.02
C THR B 35 2.08 -0.09 30.16
N GLY B 36 2.57 -0.86 29.19
CA GLY B 36 1.68 -1.59 28.31
C GLY B 36 0.96 -0.75 27.27
N SER B 37 1.43 0.49 27.08
CA SER B 37 0.84 1.38 26.10
C SER B 37 1.44 1.17 24.71
N HIS B 38 0.58 1.24 23.70
CA HIS B 38 0.98 1.06 22.30
C HIS B 38 0.05 1.90 21.45
N LEU B 39 0.30 1.93 20.14
CA LEU B 39 -0.59 2.64 19.24
C LEU B 39 -1.91 1.88 19.35
N VAL B 40 -3.03 2.58 19.20
CA VAL B 40 -4.34 1.95 19.32
C VAL B 40 -4.57 0.75 18.38
N SER B 41 -5.38 -0.19 18.85
CA SER B 41 -5.74 -1.39 18.08
C SER B 41 -7.28 -1.53 18.10
N PHE B 42 -7.87 -1.91 16.97
CA PHE B 42 -9.32 -2.07 16.87
C PHE B 42 -9.80 -3.51 16.78
N GLN B 43 -10.59 -3.93 17.75
CA GLN B 43 -11.11 -5.28 17.77
C GLN B 43 -12.59 -5.28 17.40
N SER B 44 -13.15 -4.11 17.21
CA SER B 44 -14.57 -4.00 16.85
C SER B 44 -14.95 -2.64 16.32
N THR B 45 -16.13 -2.57 15.72
CA THR B 45 -16.62 -1.32 15.12
C THR B 45 -17.01 -0.29 16.20
N GLU B 46 -17.56 -0.78 17.30
CA GLU B 46 -17.96 0.11 18.40
C GLU B 46 -16.72 0.81 18.95
N GLU B 47 -15.64 0.05 19.12
CA GLU B 47 -14.39 0.60 19.62
C GLU B 47 -13.84 1.62 18.64
N ALA B 48 -13.91 1.30 17.34
CA ALA B 48 -13.41 2.20 16.32
C ALA B 48 -14.22 3.50 16.33
N ASP B 49 -15.53 3.39 16.41
CA ASP B 49 -16.37 4.58 16.45
C ASP B 49 -15.98 5.42 17.65
N PHE B 50 -15.70 4.75 18.76
CA PHE B 50 -15.32 5.44 19.98
C PHE B 50 -14.05 6.26 19.83
N VAL B 51 -13.02 5.64 19.30
CA VAL B 51 -11.73 6.32 19.13
C VAL B 51 -11.84 7.47 18.12
N VAL B 52 -12.60 7.25 17.06
CA VAL B 52 -12.78 8.28 16.05
C VAL B 52 -13.47 9.51 16.67
N LYS B 53 -14.58 9.25 17.36
CA LYS B 53 -15.33 10.32 18.01
C LYS B 53 -14.41 11.06 18.98
N LEU B 54 -13.54 10.31 19.65
CA LEU B 54 -12.60 10.88 20.60
C LEU B 54 -11.51 11.74 19.94
N ALA B 55 -10.91 11.21 18.88
CA ALA B 55 -9.87 11.94 18.17
C ALA B 55 -10.41 13.23 17.56
N PHE B 56 -11.59 13.14 16.95
CA PHE B 56 -12.20 14.30 16.32
C PHE B 56 -12.56 15.36 17.36
N GLN B 57 -13.21 14.93 18.43
CA GLN B 57 -13.60 15.83 19.51
C GLN B 57 -12.43 16.56 20.13
N THR B 58 -11.27 15.92 20.14
CA THR B 58 -10.08 16.54 20.73
C THR B 58 -9.33 17.45 19.76
N PHE B 59 -8.88 16.90 18.63
CA PHE B 59 -8.12 17.71 17.69
C PHE B 59 -8.81 18.00 16.36
N ASP B 60 -10.12 17.74 16.29
CA ASP B 60 -10.87 17.99 15.08
C ASP B 60 -10.47 17.07 13.94
N TYR B 61 -10.35 17.64 12.74
CA TYR B 61 -9.97 16.88 11.56
C TYR B 61 -8.46 16.71 11.39
N GLY B 62 -8.06 15.46 11.17
CA GLY B 62 -6.66 15.14 10.99
C GLY B 62 -6.54 13.64 10.75
N ILE B 63 -5.31 13.17 10.55
CA ILE B 63 -5.04 11.75 10.31
C ILE B 63 -4.35 11.12 11.52
N PHE B 64 -4.80 9.93 11.90
CA PHE B 64 -4.21 9.27 13.05
C PHE B 64 -3.74 7.85 12.81
N TRP B 65 -2.52 7.56 13.25
CA TRP B 65 -1.93 6.25 13.09
C TRP B 65 -2.74 5.23 13.89
N MET B 66 -2.62 3.98 13.45
CA MET B 66 -3.29 2.82 14.03
C MET B 66 -2.10 1.89 14.30
N GLY B 67 -2.27 0.87 15.14
CA GLY B 67 -1.16 -0.03 15.45
C GLY B 67 -0.81 -1.09 14.41
N LEU B 68 -0.77 -0.69 13.14
CA LEU B 68 -0.46 -1.61 12.04
C LEU B 68 0.63 -1.07 11.12
N SER B 69 1.74 -1.79 10.98
CA SER B 69 2.83 -1.32 10.14
C SER B 69 3.42 -2.40 9.24
N LYS B 70 4.06 -1.98 8.17
CA LYS B 70 4.68 -2.89 7.21
C LYS B 70 3.68 -3.97 6.82
N ILE B 71 2.47 -3.52 6.47
CA ILE B 71 1.37 -4.40 6.11
C ILE B 71 1.53 -5.32 4.90
N TRP B 72 2.40 -4.97 3.96
CA TRP B 72 2.60 -5.81 2.79
C TRP B 72 4.02 -6.30 2.60
N ASN B 73 4.91 -5.90 3.50
CA ASN B 73 6.31 -6.29 3.41
C ASN B 73 6.55 -7.79 3.40
N GLN B 74 5.66 -8.56 4.01
CA GLN B 74 5.80 -10.00 4.07
C GLN B 74 4.89 -10.74 3.10
N CYS B 75 4.19 -10.02 2.24
CA CYS B 75 3.30 -10.65 1.26
C CYS B 75 4.15 -11.41 0.23
N ASN B 76 3.49 -12.25 -0.56
CA ASN B 76 4.21 -13.02 -1.57
C ASN B 76 4.20 -12.25 -2.89
N TRP B 77 5.17 -11.37 -3.06
CA TRP B 77 5.29 -10.57 -4.27
C TRP B 77 5.90 -11.39 -5.37
N GLN B 78 5.21 -11.48 -6.51
CA GLN B 78 5.73 -12.24 -7.63
C GLN B 78 5.42 -11.67 -9.00
N TRP B 79 6.36 -11.90 -9.92
CA TRP B 79 6.18 -11.46 -11.29
C TRP B 79 5.23 -12.49 -11.91
N SER B 80 4.25 -12.01 -12.66
CA SER B 80 3.30 -12.90 -13.32
C SER B 80 3.96 -13.83 -14.33
N ASN B 81 5.17 -13.51 -14.77
CA ASN B 81 5.86 -14.35 -15.73
C ASN B 81 6.79 -15.29 -14.97
N ALA B 82 6.65 -15.31 -13.65
CA ALA B 82 7.46 -16.18 -12.80
C ALA B 82 8.94 -15.82 -12.71
N ALA B 83 9.30 -14.58 -13.01
CA ALA B 83 10.69 -14.17 -12.92
C ALA B 83 11.02 -14.06 -11.44
N MET B 84 12.26 -14.34 -11.07
CA MET B 84 12.61 -14.24 -9.65
C MET B 84 12.84 -12.77 -9.33
N LEU B 85 12.39 -12.35 -8.15
CA LEU B 85 12.51 -10.97 -7.70
C LEU B 85 13.88 -10.66 -7.09
N LYS B 86 14.71 -9.93 -7.83
CA LYS B 86 16.05 -9.56 -7.36
C LYS B 86 16.22 -8.05 -7.49
N TYR B 87 15.96 -7.51 -8.68
CA TYR B 87 16.06 -6.06 -8.90
C TYR B 87 14.87 -5.42 -8.19
N THR B 88 15.06 -4.24 -7.64
CA THR B 88 13.98 -3.59 -6.92
C THR B 88 14.03 -2.08 -7.02
N ASP B 89 12.86 -1.46 -7.01
CA ASP B 89 12.79 0.00 -7.09
C ASP B 89 11.49 0.49 -6.47
N TRP B 90 11.28 0.11 -5.22
CA TRP B 90 10.09 0.51 -4.48
C TRP B 90 10.11 2.00 -4.24
N ALA B 91 9.00 2.67 -4.50
CA ALA B 91 8.93 4.11 -4.28
C ALA B 91 8.84 4.31 -2.77
N GLU B 92 8.08 3.43 -2.12
CA GLU B 92 7.92 3.47 -0.68
C GLU B 92 8.30 2.10 -0.12
N GLU B 93 9.04 2.13 0.99
CA GLU B 93 9.52 0.91 1.63
C GLU B 93 8.44 0.14 2.40
N SER B 94 7.72 0.85 3.25
CA SER B 94 6.70 0.21 4.06
C SER B 94 5.44 1.04 4.09
N TYR B 95 4.30 0.36 4.24
CA TYR B 95 3.01 1.04 4.32
C TYR B 95 2.42 0.78 5.69
N CYS B 96 1.78 1.80 6.26
CA CYS B 96 1.16 1.70 7.57
C CYS B 96 -0.31 2.12 7.47
N VAL B 97 -1.11 1.74 8.46
CA VAL B 97 -2.52 2.05 8.45
C VAL B 97 -2.90 3.24 9.31
N TYR B 98 -3.80 4.07 8.79
CA TYR B 98 -4.24 5.26 9.53
C TYR B 98 -5.73 5.41 9.31
N PHE B 99 -6.32 6.36 10.02
CA PHE B 99 -7.74 6.63 9.85
C PHE B 99 -7.96 8.11 10.02
N LYS B 100 -8.99 8.63 9.34
CA LYS B 100 -9.33 10.04 9.45
C LYS B 100 -10.29 10.16 10.61
N SER B 101 -10.17 11.25 11.36
CA SER B 101 -11.06 11.48 12.50
C SER B 101 -12.51 11.68 12.05
N THR B 102 -12.73 11.62 10.73
CA THR B 102 -14.06 11.79 10.16
C THR B 102 -14.82 10.47 10.13
N ASN B 103 -14.14 9.38 9.78
CA ASN B 103 -14.80 8.07 9.77
C ASN B 103 -13.87 6.92 10.16
N ASN B 104 -14.46 5.76 10.43
CA ASN B 104 -13.74 4.57 10.87
C ASN B 104 -13.12 3.65 9.82
N LYS B 105 -13.07 4.08 8.56
CA LYS B 105 -12.49 3.23 7.51
C LYS B 105 -10.96 3.22 7.52
N TRP B 106 -10.40 2.03 7.44
CA TRP B 106 -8.93 1.88 7.43
C TRP B 106 -8.35 2.42 6.13
N ARG B 107 -7.26 3.15 6.21
CA ARG B 107 -6.62 3.69 5.02
C ARG B 107 -5.11 3.41 5.01
N SER B 108 -4.51 3.38 3.82
CA SER B 108 -3.09 3.10 3.65
C SER B 108 -2.23 4.32 3.40
N ILE B 109 -0.98 4.25 3.84
CA ILE B 109 -0.05 5.36 3.65
C ILE B 109 1.35 4.94 4.06
N THR B 110 2.35 5.44 3.33
CA THR B 110 3.73 5.12 3.63
C THR B 110 4.05 5.43 5.10
N CYS B 111 4.74 4.51 5.76
CA CYS B 111 5.08 4.65 7.16
C CYS B 111 5.98 5.83 7.53
N ARG B 112 6.63 6.43 6.54
CA ARG B 112 7.49 7.57 6.84
C ARG B 112 6.73 8.88 6.87
N MET B 113 5.44 8.82 6.54
CA MET B 113 4.63 10.02 6.56
C MET B 113 4.47 10.45 8.02
N ILE B 114 4.15 11.70 8.25
CA ILE B 114 3.95 12.18 9.61
C ILE B 114 2.46 12.32 9.83
N ALA B 115 2.02 11.93 11.02
CA ALA B 115 0.60 12.00 11.37
C ALA B 115 0.41 12.09 12.87
N ASN B 116 -0.84 12.19 13.30
CA ASN B 116 -1.14 12.22 14.72
C ASN B 116 -1.35 10.76 15.09
N PHE B 117 -1.80 10.52 16.32
CA PHE B 117 -2.00 9.15 16.77
C PHE B 117 -2.76 9.03 18.07
N VAL B 118 -3.14 7.81 18.39
CA VAL B 118 -3.84 7.53 19.63
C VAL B 118 -3.11 6.39 20.32
N CYS B 119 -2.90 6.52 21.62
CA CYS B 119 -2.22 5.46 22.36
C CYS B 119 -3.28 4.72 23.16
N GLU B 120 -2.98 3.48 23.54
CA GLU B 120 -3.92 2.67 24.29
C GLU B 120 -3.22 1.64 25.19
N PHE B 121 -3.90 1.24 26.25
CA PHE B 121 -3.35 0.23 27.16
C PHE B 121 -4.48 -0.37 27.99
N GLN B 122 -4.29 -1.57 28.51
CA GLN B 122 -5.32 -2.19 29.31
C GLN B 122 -5.32 -1.62 30.71
N ALA B 123 -6.49 -1.18 31.18
CA ALA B 123 -6.57 -0.60 32.50
C ALA B 123 -6.29 -1.66 33.56
CA CA C . 11.69 -9.09 -18.12
CA CA D . -7.89 -2.31 21.28
#